data_5WDH
#
_entry.id   5WDH
#
_cell.length_a   63.713
_cell.length_b   63.713
_cell.length_c   242.432
_cell.angle_alpha   90.000
_cell.angle_beta   90.000
_cell.angle_gamma   90.000
#
_symmetry.space_group_name_H-M   'P 41 2 2'
#
loop_
_entity.id
_entity.type
_entity.pdbx_description
1 polymer 'Kinesin-like protein KIFC1'
2 non-polymer "ADENOSINE-5'-DIPHOSPHATE"
3 non-polymer 'MAGNESIUM ION'
4 non-polymer 'UNKNOWN ATOM OR ION'
5 water water
#
_entity_poly.entity_id   1
_entity_poly.type   'polypeptide(L)'
_entity_poly.pdbx_seq_one_letter_code
;MGSSHHHHHHSSGLVPRGSLKGNIRVFCRVRPVLPGEPTPPPGLLLFPSGPGGPSDPPTRLSLSRSDERRGTLSGAPAPP
PRHDFSFDRVFPPGSGQDEVFEEIAMLVQSALDGYPVCIFAYGQTGSGKTFTMEGGPGGDPQLEGLIPRALRHLFSVAQE
LSGQGWTYSFVASYVEIYNETVRDLLATGTRKGQGGECEIRRAGPGSEELTVTNARYVPVSCEKEVDALLHLARQNRAVA
RTAQNERSSRSHSVFQLQISGEHSSRGLQCGAPLSLVDLAGSERLDPGLALGPGERERLRETQAINSSLSTLGLVIMALS
NKESHVPYRNSKLTYLLQNSLGGSAKMLMFVNISPLEENVSESLNSLRFASKVNQC
;
_entity_poly.pdbx_strand_id   A
#
loop_
_chem_comp.id
_chem_comp.type
_chem_comp.name
_chem_comp.formula
ADP non-polymer ADENOSINE-5'-DIPHOSPHATE 'C10 H15 N5 O10 P2'
MG non-polymer 'MAGNESIUM ION' 'Mg 2'
UNX non-polymer 'UNKNOWN ATOM OR ION' ?
#
# COMPACT_ATOMS: atom_id res chain seq x y z
N GLY A 22 -12.60 -5.24 -11.14
CA GLY A 22 -12.33 -6.63 -11.47
C GLY A 22 -11.39 -7.31 -10.49
N ASN A 23 -10.11 -7.43 -10.88
CA ASN A 23 -9.09 -7.98 -9.99
C ASN A 23 -8.69 -6.98 -8.92
N ILE A 24 -9.69 -6.42 -8.25
CA ILE A 24 -9.49 -5.54 -7.11
C ILE A 24 -9.87 -6.34 -5.88
N ARG A 25 -8.98 -6.37 -4.90
CA ARG A 25 -9.28 -6.96 -3.60
C ARG A 25 -9.37 -5.83 -2.59
N VAL A 26 -10.41 -5.84 -1.76
CA VAL A 26 -10.53 -4.87 -0.68
C VAL A 26 -10.50 -5.61 0.66
N PHE A 27 -9.58 -5.20 1.54
CA PHE A 27 -9.44 -5.77 2.87
C PHE A 27 -9.69 -4.71 3.92
N CYS A 28 -10.40 -5.08 4.98
CA CYS A 28 -10.62 -4.21 6.11
C CYS A 28 -9.78 -4.67 7.31
N ARG A 29 -9.21 -3.71 8.04
CA ARG A 29 -8.38 -3.98 9.20
C ARG A 29 -8.79 -3.05 10.35
N VAL A 30 -9.20 -3.64 11.46
CA VAL A 30 -9.54 -2.92 12.69
C VAL A 30 -8.39 -3.12 13.67
N ARG A 31 -7.74 -2.04 14.09
CA ARG A 31 -6.61 -2.16 14.99
C ARG A 31 -7.08 -2.38 16.43
N PRO A 32 -6.21 -2.90 17.30
CA PRO A 32 -6.61 -3.05 18.72
C PRO A 32 -6.78 -1.71 19.39
N VAL A 33 -7.57 -1.71 20.47
CA VAL A 33 -7.60 -0.57 21.39
C VAL A 33 -6.29 -0.53 22.15
N LEU A 34 -5.67 0.65 22.19
CA LEU A 34 -4.36 0.88 22.77
C LEU A 34 -4.47 1.51 24.15
N PRO A 35 -3.42 1.44 24.97
CA PRO A 35 -3.48 2.05 26.31
C PRO A 35 -3.79 3.54 26.22
N GLY A 36 -4.58 4.02 27.19
CA GLY A 36 -5.01 5.39 27.22
C GLY A 36 -6.31 5.67 26.49
N GLU A 37 -6.61 4.90 25.46
CA GLU A 37 -7.78 5.18 24.63
C GLU A 37 -9.05 4.77 25.35
N PRO A 38 -10.16 5.48 25.13
CA PRO A 38 -11.42 5.09 25.77
C PRO A 38 -11.87 3.71 25.30
N THR A 39 -12.31 2.91 26.25
CA THR A 39 -12.78 1.55 25.97
C THR A 39 -14.08 1.63 25.18
N PRO A 40 -14.17 1.03 24.00
CA PRO A 40 -15.39 1.17 23.20
C PRO A 40 -16.45 0.18 23.65
N PRO A 41 -17.73 0.50 23.43
CA PRO A 41 -18.79 -0.48 23.67
C PRO A 41 -18.52 -1.76 22.91
N PRO A 42 -18.58 -2.92 23.57
CA PRO A 42 -18.17 -4.17 22.92
C PRO A 42 -19.02 -4.56 21.73
N GLY A 43 -20.19 -3.96 21.55
CA GLY A 43 -21.03 -4.15 20.39
C GLY A 43 -20.91 -3.08 19.33
N LEU A 44 -19.97 -2.14 19.49
CA LEU A 44 -19.74 -1.14 18.45
C LEU A 44 -19.25 -1.77 17.16
N LEU A 45 -18.43 -2.83 17.26
CA LEU A 45 -17.89 -3.51 16.09
C LEU A 45 -17.92 -5.02 16.34
N LEU A 46 -18.74 -5.74 15.57
CA LEU A 46 -18.75 -7.19 15.63
C LEU A 46 -18.19 -7.76 14.33
N PHE A 47 -17.78 -9.03 14.40
CA PHE A 47 -17.07 -9.72 13.32
C PHE A 47 -17.71 -11.08 13.10
N PRO A 48 -18.90 -11.13 12.50
CA PRO A 48 -19.62 -12.40 12.39
C PRO A 48 -18.91 -13.41 11.49
N SER A 49 -19.48 -14.62 11.44
CA SER A 49 -18.97 -15.67 10.57
C SER A 49 -20.03 -16.11 9.55
N GLY A 50 -19.57 -16.55 8.37
N ASP A 56 -11.84 -20.95 4.89
CA ASP A 56 -12.27 -19.64 4.38
C ASP A 56 -12.13 -18.57 5.47
N PRO A 57 -11.71 -17.37 5.07
CA PRO A 57 -11.38 -16.33 6.05
C PRO A 57 -12.60 -15.47 6.39
N PRO A 58 -12.58 -14.80 7.54
CA PRO A 58 -13.71 -13.93 7.90
C PRO A 58 -13.81 -12.74 6.95
N THR A 59 -15.06 -12.29 6.74
CA THR A 59 -15.35 -11.34 5.67
C THR A 59 -16.31 -10.21 6.02
N ARG A 60 -16.95 -10.21 7.19
CA ARG A 60 -17.98 -9.22 7.47
C ARG A 60 -17.58 -8.34 8.66
N LEU A 61 -18.01 -7.08 8.59
CA LEU A 61 -17.86 -6.12 9.66
C LEU A 61 -19.20 -5.44 9.90
N SER A 62 -19.60 -5.35 11.16
CA SER A 62 -20.89 -4.78 11.53
C SER A 62 -20.67 -3.64 12.51
N LEU A 63 -21.06 -2.43 12.10
CA LEU A 63 -21.03 -1.24 12.94
C LEU A 63 -22.43 -0.93 13.46
N SER A 64 -22.52 0.02 14.38
CA SER A 64 -23.79 0.30 15.05
C SER A 64 -24.12 1.79 15.13
N ARG A 65 -25.25 2.17 14.55
CA PRO A 81 -30.51 -1.52 12.51
C PRO A 81 -29.03 -1.28 12.76
N ARG A 82 -28.17 -2.03 12.07
CA ARG A 82 -26.73 -1.90 12.22
C ARG A 82 -26.08 -1.90 10.85
N HIS A 83 -25.13 -0.99 10.64
CA HIS A 83 -24.41 -0.91 9.38
C HIS A 83 -23.63 -2.21 9.13
N ASP A 84 -23.82 -2.80 7.96
CA ASP A 84 -23.25 -4.09 7.62
C ASP A 84 -22.43 -3.98 6.35
N PHE A 85 -21.15 -4.32 6.43
CA PHE A 85 -20.24 -4.30 5.29
C PHE A 85 -19.68 -5.70 5.04
N SER A 86 -19.03 -5.85 3.90
CA SER A 86 -18.46 -7.12 3.47
C SER A 86 -17.27 -6.82 2.57
N PHE A 87 -16.19 -7.59 2.73
CA PHE A 87 -14.97 -7.36 1.98
C PHE A 87 -14.31 -8.70 1.66
N ASP A 88 -13.17 -8.63 0.97
CA ASP A 88 -12.42 -9.83 0.64
C ASP A 88 -11.87 -10.51 1.89
N ARG A 89 -11.49 -9.72 2.90
CA ARG A 89 -11.19 -10.26 4.22
C ARG A 89 -11.30 -9.12 5.22
N VAL A 90 -11.79 -9.46 6.41
CA VAL A 90 -11.84 -8.55 7.54
C VAL A 90 -10.92 -9.13 8.60
N PHE A 91 -9.84 -8.41 8.89
CA PHE A 91 -8.89 -8.81 9.91
C PHE A 91 -9.32 -8.23 11.24
N PRO A 92 -9.62 -9.07 12.25
CA PRO A 92 -10.00 -8.53 13.58
C PRO A 92 -8.80 -7.94 14.30
N PRO A 93 -9.02 -7.20 15.40
CA PRO A 93 -7.90 -6.59 16.14
C PRO A 93 -6.78 -7.55 16.53
N GLY A 94 -7.08 -8.83 16.78
CA GLY A 94 -6.04 -9.77 17.13
C GLY A 94 -5.23 -10.28 15.96
N SER A 95 -5.46 -9.78 14.76
CA SER A 95 -4.73 -10.24 13.59
C SER A 95 -3.26 -9.81 13.68
N GLY A 96 -2.36 -10.76 13.43
CA GLY A 96 -0.94 -10.46 13.35
C GLY A 96 -0.49 -10.03 11.96
N GLN A 97 0.64 -9.31 11.96
CA GLN A 97 1.26 -8.83 10.74
C GLN A 97 1.51 -9.97 9.74
N ASP A 98 1.98 -11.13 10.22
CA ASP A 98 2.29 -12.21 9.30
C ASP A 98 1.04 -12.72 8.59
N GLU A 99 -0.10 -12.75 9.30
CA GLU A 99 -1.33 -13.22 8.68
C GLU A 99 -1.84 -12.23 7.65
N VAL A 100 -1.72 -10.93 7.93
CA VAL A 100 -2.14 -9.90 7.00
C VAL A 100 -1.38 -10.03 5.69
N PHE A 101 -0.07 -10.32 5.76
CA PHE A 101 0.70 -10.47 4.53
C PHE A 101 0.41 -11.79 3.82
N GLU A 102 0.23 -12.87 4.57
CA GLU A 102 0.02 -14.17 3.92
C GLU A 102 -1.23 -14.15 3.03
N GLU A 103 -2.23 -13.35 3.39
CA GLU A 103 -3.44 -13.29 2.59
C GLU A 103 -3.15 -12.80 1.16
N ILE A 104 -2.08 -12.01 0.98
CA ILE A 104 -1.81 -11.38 -0.31
C ILE A 104 -0.48 -11.81 -0.89
N ALA A 105 0.19 -12.81 -0.30
CA ALA A 105 1.50 -13.21 -0.80
C ALA A 105 1.46 -13.59 -2.28
N MET A 106 0.40 -14.30 -2.70
CA MET A 106 0.37 -14.82 -4.06
C MET A 106 0.13 -13.71 -5.08
N LEU A 107 -0.77 -12.78 -4.76
CA LEU A 107 -0.95 -11.59 -5.60
C LEU A 107 0.34 -10.80 -5.71
N VAL A 108 1.13 -10.74 -4.64
CA VAL A 108 2.36 -9.96 -4.68
C VAL A 108 3.37 -10.59 -5.63
N GLN A 109 3.47 -11.91 -5.63
CA GLN A 109 4.52 -12.46 -6.47
C GLN A 109 4.15 -12.47 -7.95
N SER A 110 2.90 -12.17 -8.31
CA SER A 110 2.60 -12.01 -9.73
C SER A 110 3.36 -10.84 -10.33
N ALA A 111 3.89 -9.94 -9.49
CA ALA A 111 4.71 -8.86 -9.99
C ALA A 111 6.05 -9.35 -10.52
N LEU A 112 6.44 -10.60 -10.24
CA LEU A 112 7.52 -11.28 -10.93
C LEU A 112 7.11 -11.78 -12.32
N ASP A 113 5.83 -11.67 -12.66
CA ASP A 113 5.31 -12.26 -13.88
C ASP A 113 4.75 -11.17 -14.80
N GLY A 114 5.24 -9.95 -14.66
CA GLY A 114 4.84 -8.82 -15.47
C GLY A 114 3.55 -8.13 -15.05
N TYR A 115 2.89 -8.58 -13.99
CA TYR A 115 1.68 -7.86 -13.54
C TYR A 115 2.09 -6.70 -12.64
N PRO A 116 1.62 -5.48 -12.90
CA PRO A 116 1.79 -4.41 -11.92
C PRO A 116 0.91 -4.65 -10.72
N VAL A 117 1.44 -4.36 -9.53
CA VAL A 117 0.72 -4.56 -8.28
C VAL A 117 0.76 -3.23 -7.54
N CYS A 118 -0.40 -2.78 -7.09
CA CYS A 118 -0.50 -1.52 -6.38
C CYS A 118 -1.32 -1.76 -5.13
N ILE A 119 -0.72 -1.52 -3.97
CA ILE A 119 -1.33 -1.77 -2.66
C ILE A 119 -1.51 -0.43 -1.95
N PHE A 120 -2.68 -0.22 -1.38
CA PHE A 120 -3.00 1.03 -0.69
C PHE A 120 -3.35 0.75 0.77
N ALA A 121 -2.96 1.67 1.65
CA ALA A 121 -3.49 1.72 3.01
C ALA A 121 -4.29 3.01 3.14
N TYR A 122 -5.58 2.87 3.43
CA TYR A 122 -6.50 3.99 3.43
C TYR A 122 -7.25 4.04 4.74
N GLY A 123 -7.40 5.25 5.28
CA GLY A 123 -8.19 5.45 6.47
C GLY A 123 -7.77 6.72 7.18
N GLN A 124 -8.50 7.01 8.26
CA GLN A 124 -8.20 8.24 8.98
C GLN A 124 -6.89 8.10 9.76
N THR A 125 -6.31 9.25 10.08
CA THR A 125 -5.10 9.28 10.90
C THR A 125 -5.35 8.53 12.21
N GLY A 126 -4.34 7.77 12.64
CA GLY A 126 -4.42 6.98 13.86
C GLY A 126 -5.09 5.62 13.71
N SER A 127 -5.55 5.25 12.50
CA SER A 127 -6.25 4.00 12.25
C SER A 127 -5.32 2.82 11.96
N GLY A 128 -4.08 3.09 11.55
CA GLY A 128 -3.10 2.02 11.38
C GLY A 128 -2.54 1.84 9.98
N LYS A 129 -2.60 2.89 9.15
CA LYS A 129 -2.05 2.80 7.80
C LYS A 129 -0.56 2.52 7.84
N THR A 130 0.18 3.30 8.64
CA THR A 130 1.63 3.17 8.65
C THR A 130 2.06 1.88 9.32
N PHE A 131 1.36 1.47 10.39
CA PHE A 131 1.65 0.19 11.01
C PHE A 131 1.47 -0.96 10.02
N THR A 132 0.44 -0.88 9.18
CA THR A 132 0.20 -1.95 8.20
C THR A 132 1.26 -1.96 7.11
N MET A 133 1.65 -0.79 6.62
CA MET A 133 2.58 -0.67 5.50
C MET A 133 4.05 -0.90 5.92
N GLU A 134 4.54 -0.08 6.84
CA GLU A 134 5.90 -0.19 7.36
C GLU A 134 6.00 -1.15 8.54
N GLY A 135 5.09 -1.04 9.48
CA GLY A 135 5.18 -1.77 10.72
C GLY A 135 5.80 -0.93 11.81
N GLY A 136 6.13 -1.61 12.91
CA GLY A 136 6.79 -0.98 14.02
C GLY A 136 8.12 -0.38 13.60
N PRO A 137 8.54 0.67 14.30
CA PRO A 137 9.85 1.28 14.06
C PRO A 137 11.01 0.68 14.85
N GLY A 138 10.76 -0.32 15.70
CA GLY A 138 11.76 -0.89 16.58
C GLY A 138 12.41 -2.20 16.16
N GLY A 139 12.18 -2.69 14.95
CA GLY A 139 12.83 -3.92 14.55
C GLY A 139 12.32 -5.20 15.21
N ASP A 140 11.22 -5.14 15.95
CA ASP A 140 10.58 -6.38 16.38
C ASP A 140 10.04 -7.13 15.14
N PRO A 141 10.56 -8.31 14.80
CA PRO A 141 10.15 -8.95 13.53
C PRO A 141 8.68 -9.33 13.46
N GLN A 142 8.00 -9.46 14.60
CA GLN A 142 6.56 -9.70 14.58
C GLN A 142 5.76 -8.46 14.23
N LEU A 143 6.36 -7.27 14.31
CA LEU A 143 5.63 -6.04 14.03
C LEU A 143 6.00 -5.44 12.66
N GLU A 144 6.83 -6.11 11.87
CA GLU A 144 7.12 -5.66 10.52
C GLU A 144 5.88 -5.78 9.63
N GLY A 145 5.70 -4.82 8.73
CA GLY A 145 4.48 -4.70 7.92
C GLY A 145 4.67 -5.23 6.51
N LEU A 146 3.89 -4.67 5.56
CA LEU A 146 3.80 -5.24 4.21
C LEU A 146 5.06 -5.02 3.39
N ILE A 147 5.68 -3.85 3.52
CA ILE A 147 6.87 -3.57 2.71
C ILE A 147 8.01 -4.57 2.96
N PRO A 148 8.46 -4.81 4.20
CA PRO A 148 9.54 -5.79 4.35
C PRO A 148 9.09 -7.21 4.09
N ARG A 149 7.83 -7.55 4.38
CA ARG A 149 7.35 -8.90 4.08
C ARG A 149 7.19 -9.12 2.58
N ALA A 150 6.68 -8.12 1.84
CA ALA A 150 6.60 -8.26 0.40
C ALA A 150 8.00 -8.48 -0.19
N LEU A 151 8.95 -7.66 0.23
CA LEU A 151 10.27 -7.74 -0.39
C LEU A 151 10.96 -9.05 -0.03
N ARG A 152 10.85 -9.48 1.23
CA ARG A 152 11.38 -10.79 1.63
C ARG A 152 10.76 -11.90 0.79
N HIS A 153 9.43 -11.86 0.61
CA HIS A 153 8.76 -12.88 -0.18
C HIS A 153 9.25 -12.88 -1.62
N LEU A 154 9.40 -11.68 -2.21
CA LEU A 154 9.92 -11.58 -3.56
C LEU A 154 11.33 -12.12 -3.66
N PHE A 155 12.21 -11.76 -2.71
CA PHE A 155 13.60 -12.26 -2.73
C PHE A 155 13.65 -13.77 -2.77
N SER A 156 12.75 -14.44 -2.03
CA SER A 156 12.85 -15.89 -1.95
C SER A 156 12.12 -16.61 -3.07
N VAL A 157 11.02 -16.05 -3.61
CA VAL A 157 10.48 -16.64 -4.85
C VAL A 157 11.49 -16.48 -5.98
N ALA A 158 12.16 -15.33 -6.04
CA ALA A 158 13.16 -15.09 -7.07
C ALA A 158 14.31 -16.10 -6.98
N GLN A 159 14.71 -16.47 -5.76
CA GLN A 159 15.78 -17.47 -5.64
C GLN A 159 15.29 -18.86 -6.02
N GLU A 160 14.04 -19.20 -5.71
CA GLU A 160 13.48 -20.45 -6.23
C GLU A 160 13.54 -20.48 -7.75
N LEU A 161 13.15 -19.37 -8.40
CA LEU A 161 13.09 -19.31 -9.86
C LEU A 161 14.46 -19.17 -10.51
N SER A 162 15.53 -18.93 -9.74
CA SER A 162 16.84 -18.83 -10.36
C SER A 162 17.36 -20.19 -10.79
N GLY A 163 16.88 -21.25 -10.13
CA GLY A 163 17.17 -22.60 -10.57
C GLY A 163 16.46 -23.01 -11.83
N GLN A 164 15.60 -22.14 -12.36
CA GLN A 164 14.95 -22.33 -13.65
C GLN A 164 15.51 -21.39 -14.72
N GLY A 165 16.64 -20.74 -14.44
CA GLY A 165 17.32 -19.90 -15.41
C GLY A 165 17.06 -18.41 -15.29
N TRP A 166 16.25 -17.98 -14.34
CA TRP A 166 15.92 -16.57 -14.16
C TRP A 166 16.93 -15.84 -13.28
N THR A 167 17.20 -14.59 -13.63
CA THR A 167 17.90 -13.65 -12.78
C THR A 167 16.99 -12.43 -12.59
N TYR A 168 16.83 -12.01 -11.33
CA TYR A 168 15.96 -10.91 -10.98
C TYR A 168 16.72 -9.75 -10.36
N SER A 169 16.29 -8.55 -10.71
CA SER A 169 16.88 -7.30 -10.23
C SER A 169 15.78 -6.48 -9.57
N PHE A 170 16.11 -5.82 -8.46
CA PHE A 170 15.11 -5.09 -7.68
C PHE A 170 15.64 -3.71 -7.34
N VAL A 171 14.85 -2.68 -7.64
CA VAL A 171 15.26 -1.29 -7.43
C VAL A 171 14.15 -0.57 -6.69
N ALA A 172 14.46 -0.06 -5.48
CA ALA A 172 13.50 0.55 -4.58
C ALA A 172 13.60 2.07 -4.60
N SER A 173 12.45 2.74 -4.55
CA SER A 173 12.40 4.16 -4.28
C SER A 173 11.31 4.43 -3.24
N TYR A 174 11.42 5.58 -2.58
CA TYR A 174 10.44 5.96 -1.56
C TYR A 174 10.30 7.47 -1.58
N VAL A 175 9.11 7.97 -1.90
CA VAL A 175 8.90 9.40 -2.04
C VAL A 175 7.64 9.78 -1.26
N GLU A 176 7.56 11.07 -0.94
CA GLU A 176 6.48 11.62 -0.14
C GLU A 176 5.81 12.72 -0.95
N ILE A 177 4.49 12.66 -1.02
CA ILE A 177 3.72 13.62 -1.80
C ILE A 177 2.87 14.42 -0.82
N TYR A 178 3.22 15.69 -0.63
CA TYR A 178 2.53 16.59 0.29
C TYR A 178 2.12 17.84 -0.46
N ASN A 179 0.83 17.97 -0.77
CA ASN A 179 0.25 19.17 -1.34
C ASN A 179 1.05 19.68 -2.54
N GLU A 180 1.04 18.86 -3.59
CA GLU A 180 1.67 19.16 -4.88
C GLU A 180 3.19 19.20 -4.82
N THR A 181 3.80 18.78 -3.72
CA THR A 181 5.25 18.72 -3.58
C THR A 181 5.69 17.26 -3.44
N VAL A 182 6.89 16.97 -3.92
CA VAL A 182 7.46 15.63 -3.85
C VAL A 182 8.82 15.73 -3.19
N ARG A 183 9.02 14.94 -2.13
CA ARG A 183 10.30 14.84 -1.45
C ARG A 183 10.78 13.40 -1.48
N ASP A 184 12.10 13.24 -1.49
CA ASP A 184 12.74 11.93 -1.47
C ASP A 184 12.91 11.50 -0.01
N LEU A 185 12.18 10.46 0.41
CA LEU A 185 12.37 9.94 1.76
C LEU A 185 13.70 9.20 1.91
N LEU A 186 14.40 8.93 0.81
CA LEU A 186 15.66 8.21 0.83
C LEU A 186 16.85 9.12 0.62
N ALA A 187 16.65 10.43 0.77
CA ALA A 187 17.72 11.39 0.55
C ALA A 187 18.83 11.17 1.56
N THR A 188 20.06 11.41 1.13
CA THR A 188 21.23 11.31 1.99
C THR A 188 22.00 12.64 2.04
N GLY A 189 22.38 13.13 0.87
CA GLY A 189 23.11 14.39 0.79
N GLU A 197 14.93 20.06 -6.59
CA GLU A 197 13.57 19.69 -6.22
C GLU A 197 13.06 18.50 -7.04
N CYS A 198 12.31 17.62 -6.38
CA CYS A 198 11.80 16.39 -6.99
C CYS A 198 10.57 16.68 -7.84
N GLU A 199 10.54 16.09 -9.04
CA GLU A 199 9.45 16.25 -9.98
C GLU A 199 9.10 14.90 -10.60
N ILE A 200 7.80 14.65 -10.75
CA ILE A 200 7.29 13.48 -11.48
C ILE A 200 7.39 13.77 -12.98
N ARG A 201 8.28 13.04 -13.67
CA ARG A 201 8.58 13.27 -15.08
C ARG A 201 8.45 11.96 -15.88
N ARG A 202 8.49 12.11 -17.21
CA ARG A 202 8.43 10.99 -18.14
C ARG A 202 9.82 10.40 -18.39
N ALA A 203 9.84 9.27 -19.10
CA ALA A 203 11.06 8.49 -19.34
C ALA A 203 12.19 9.34 -19.92
CA SER A 207 9.79 6.15 -23.60
C SER A 207 8.55 6.73 -22.93
N GLU A 208 7.82 5.90 -22.18
CA GLU A 208 6.58 6.31 -21.52
C GLU A 208 6.53 6.01 -20.03
N GLU A 209 7.58 5.44 -19.45
CA GLU A 209 7.60 5.25 -18.01
C GLU A 209 7.70 6.60 -17.31
N LEU A 210 7.35 6.61 -16.03
CA LEU A 210 7.48 7.77 -15.17
C LEU A 210 8.47 7.48 -14.05
N THR A 211 9.35 8.43 -13.76
CA THR A 211 10.19 8.40 -12.58
C THR A 211 10.06 9.72 -11.84
N VAL A 212 10.75 9.79 -10.72
CA VAL A 212 10.84 10.98 -9.90
C VAL A 212 12.28 11.48 -10.00
N THR A 213 12.44 12.70 -10.48
CA THR A 213 13.76 13.30 -10.53
C THR A 213 14.27 13.58 -9.13
N ASN A 214 15.61 13.63 -9.00
CA ASN A 214 16.30 14.02 -7.78
C ASN A 214 15.95 13.12 -6.61
N ALA A 215 15.53 11.88 -6.90
CA ALA A 215 15.24 10.88 -5.89
C ALA A 215 16.15 9.69 -6.09
N ARG A 216 16.59 9.08 -4.99
CA ARG A 216 17.45 7.91 -5.07
C ARG A 216 16.64 6.70 -5.51
N TYR A 217 17.22 5.90 -6.40
CA TYR A 217 16.67 4.62 -6.83
C TYR A 217 17.70 3.58 -6.43
N VAL A 218 17.38 2.76 -5.43
CA VAL A 218 18.38 1.99 -4.70
C VAL A 218 18.21 0.50 -5.04
N PRO A 219 19.22 -0.15 -5.62
CA PRO A 219 19.14 -1.61 -5.80
C PRO A 219 19.17 -2.31 -4.45
N VAL A 220 18.22 -3.20 -4.21
CA VAL A 220 18.13 -3.94 -2.96
C VAL A 220 18.12 -5.42 -3.29
N SER A 221 18.73 -6.23 -2.43
CA SER A 221 18.74 -7.67 -2.64
C SER A 221 18.61 -8.48 -1.36
N CYS A 222 18.43 -7.85 -0.21
CA CYS A 222 18.18 -8.62 1.00
C CYS A 222 17.40 -7.76 1.96
N GLU A 223 16.95 -8.41 3.03
CA GLU A 223 16.05 -7.80 4.00
C GLU A 223 16.70 -6.62 4.71
N LYS A 224 18.00 -6.74 5.04
CA LYS A 224 18.70 -5.68 5.78
C LYS A 224 18.77 -4.39 4.98
N GLU A 225 19.04 -4.48 3.66
CA GLU A 225 19.06 -3.28 2.85
C GLU A 225 17.69 -2.63 2.77
N VAL A 226 16.63 -3.44 2.77
CA VAL A 226 15.28 -2.89 2.75
C VAL A 226 14.96 -2.20 4.08
N ASP A 227 15.22 -2.88 5.20
CA ASP A 227 15.04 -2.28 6.52
C ASP A 227 15.78 -0.95 6.64
N ALA A 228 17.03 -0.91 6.19
CA ALA A 228 17.81 0.32 6.26
C ALA A 228 17.15 1.48 5.49
N LEU A 229 16.46 1.18 4.39
CA LEU A 229 15.80 2.24 3.63
C LEU A 229 14.59 2.77 4.39
N LEU A 230 13.82 1.88 5.03
CA LEU A 230 12.70 2.33 5.86
C LEU A 230 13.20 3.16 7.05
N HIS A 231 14.30 2.73 7.68
CA HIS A 231 14.83 3.53 8.79
C HIS A 231 15.33 4.88 8.31
N LEU A 232 15.88 4.95 7.10
CA LEU A 232 16.28 6.24 6.54
C LEU A 232 15.05 7.13 6.29
N ALA A 233 13.98 6.54 5.79
CA ALA A 233 12.72 7.27 5.64
C ALA A 233 12.26 7.87 6.97
N ARG A 234 12.41 7.11 8.07
CA ARG A 234 11.98 7.60 9.37
C ARG A 234 12.89 8.71 9.90
N GLN A 235 14.19 8.59 9.63
CA GLN A 235 15.12 9.67 9.96
C GLN A 235 14.76 10.95 9.20
N ASN A 236 14.50 10.85 7.89
CA ASN A 236 14.22 12.07 7.13
C ASN A 236 12.90 12.71 7.56
N ARG A 237 11.89 11.90 7.87
CA ARG A 237 10.68 12.46 8.45
C ARG A 237 10.95 13.12 9.79
N ALA A 238 11.76 12.49 10.64
CA ALA A 238 12.05 13.06 11.96
C ALA A 238 12.77 14.40 11.81
N VAL A 239 13.70 14.50 10.87
CA VAL A 239 14.40 15.76 10.63
C VAL A 239 13.44 16.83 10.12
N ALA A 240 12.47 16.44 9.27
CA ALA A 240 11.50 17.39 8.74
C ALA A 240 10.56 17.97 9.80
N ARG A 241 10.64 17.54 11.05
CA ARG A 241 9.82 18.17 12.10
C ARG A 241 10.57 19.34 12.74
N THR A 242 10.96 20.32 11.92
CA THR A 242 11.65 21.51 12.42
N ARG A 247 3.07 16.48 9.49
CA ARG A 247 3.23 16.63 8.05
C ARG A 247 2.94 15.34 7.29
N SER A 248 3.34 14.19 7.84
CA SER A 248 3.19 12.92 7.14
C SER A 248 1.77 12.35 7.22
N SER A 249 0.99 12.77 8.21
CA SER A 249 -0.43 12.40 8.24
C SER A 249 -1.20 13.02 7.08
N ARG A 250 -0.71 14.12 6.52
CA ARG A 250 -1.33 14.78 5.38
C ARG A 250 -0.63 14.45 4.07
N SER A 251 0.26 13.47 4.06
CA SER A 251 1.09 13.15 2.91
C SER A 251 0.87 11.71 2.48
N HIS A 252 0.96 11.46 1.17
CA HIS A 252 1.08 10.10 0.67
C HIS A 252 2.54 9.69 0.73
N SER A 253 2.80 8.50 1.24
CA SER A 253 4.13 7.91 1.20
C SER A 253 4.10 6.78 0.19
N VAL A 254 4.98 6.84 -0.80
CA VAL A 254 4.86 5.97 -1.98
C VAL A 254 6.13 5.15 -2.08
N PHE A 255 6.03 3.85 -1.79
CA PHE A 255 7.16 2.93 -1.89
C PHE A 255 7.03 2.13 -3.18
N GLN A 256 8.04 2.21 -4.02
CA GLN A 256 8.01 1.57 -5.32
C GLN A 256 9.21 0.66 -5.47
N LEU A 257 8.97 -0.50 -6.07
CA LEU A 257 10.00 -1.46 -6.39
C LEU A 257 9.84 -1.84 -7.85
N GLN A 258 10.79 -1.43 -8.69
CA GLN A 258 10.87 -1.90 -10.08
C GLN A 258 11.47 -3.31 -10.10
N ILE A 259 10.73 -4.24 -10.70
CA ILE A 259 11.12 -5.64 -10.79
C ILE A 259 11.50 -5.94 -12.23
N SER A 260 12.76 -6.33 -12.47
CA SER A 260 13.22 -6.79 -13.78
C SER A 260 13.63 -8.25 -13.68
N GLY A 261 13.12 -9.06 -14.59
CA GLY A 261 13.51 -10.45 -14.71
C GLY A 261 14.03 -10.74 -16.10
N GLU A 262 14.92 -11.73 -16.19
CA GLU A 262 15.59 -12.05 -17.44
C GLU A 262 16.02 -13.51 -17.38
N HIS A 263 15.68 -14.28 -18.40
CA HIS A 263 16.04 -15.70 -18.46
C HIS A 263 17.36 -15.87 -19.20
N SER A 264 18.12 -16.89 -18.78
CA SER A 264 19.50 -17.07 -19.22
C SER A 264 19.56 -17.67 -20.62
N SER A 265 18.97 -18.84 -20.82
CA SER A 265 19.07 -19.54 -22.10
C SER A 265 17.91 -19.27 -23.05
N ARG A 266 16.76 -18.86 -22.53
CA ARG A 266 15.59 -18.46 -23.31
C ARG A 266 15.56 -16.95 -23.49
N GLY A 267 15.13 -16.52 -24.66
CA GLY A 267 14.93 -15.10 -24.91
C GLY A 267 13.67 -14.57 -24.23
N LEU A 268 13.65 -14.55 -22.90
CA LEU A 268 12.53 -14.02 -22.14
C LEU A 268 13.02 -12.94 -21.19
N GLN A 269 12.22 -11.88 -21.08
CA GLN A 269 12.36 -10.84 -20.06
C GLN A 269 10.96 -10.52 -19.53
N CYS A 270 10.91 -10.11 -18.28
CA CYS A 270 9.67 -9.66 -17.66
C CYS A 270 9.98 -8.45 -16.80
N GLY A 271 8.93 -7.70 -16.47
CA GLY A 271 9.09 -6.48 -15.69
C GLY A 271 7.77 -5.92 -15.20
N ALA A 272 7.78 -5.32 -14.01
CA ALA A 272 6.58 -4.75 -13.41
C ALA A 272 6.90 -3.95 -12.16
N PRO A 273 6.14 -2.89 -11.89
CA PRO A 273 6.27 -2.18 -10.61
C PRO A 273 5.38 -2.79 -9.54
N LEU A 274 5.93 -2.88 -8.33
CA LEU A 274 5.13 -3.08 -7.13
C LEU A 274 5.10 -1.75 -6.39
N SER A 275 3.90 -1.28 -6.05
CA SER A 275 3.76 -0.05 -5.30
C SER A 275 3.02 -0.32 -4.00
N LEU A 276 3.54 0.27 -2.93
CA LEU A 276 2.94 0.16 -1.59
C LEU A 276 2.73 1.58 -1.09
N VAL A 277 1.49 1.97 -0.93
CA VAL A 277 1.12 3.37 -0.77
C VAL A 277 0.48 3.56 0.60
N ASP A 278 1.07 4.40 1.40
CA ASP A 278 0.56 4.75 2.72
C ASP A 278 -0.12 6.10 2.50
N LEU A 279 -1.42 6.06 2.30
CA LEU A 279 -2.11 7.24 1.83
C LEU A 279 -2.23 8.29 2.94
N ALA A 280 -2.47 9.52 2.51
CA ALA A 280 -2.88 10.56 3.44
C ALA A 280 -4.14 10.15 4.17
N GLY A 281 -4.31 10.68 5.39
CA GLY A 281 -5.51 10.43 6.14
C GLY A 281 -6.71 11.15 5.54
N SER A 282 -7.87 10.55 5.74
CA SER A 282 -9.14 11.03 5.18
C SER A 282 -10.01 11.55 6.31
N GLU A 283 -10.08 12.88 6.46
CA GLU A 283 -10.89 13.47 7.51
C GLU A 283 -11.06 14.98 7.32
N ARG A 284 -12.21 15.50 7.77
CA ARG A 284 -12.49 16.93 7.72
N SER A 308 -6.59 15.95 -3.39
CA SER A 308 -5.62 14.87 -3.51
C SER A 308 -6.30 13.50 -3.45
N LEU A 309 -6.81 13.18 -2.26
CA LEU A 309 -7.36 11.84 -2.01
C LEU A 309 -8.60 11.57 -2.86
N SER A 310 -9.46 12.59 -3.03
CA SER A 310 -10.67 12.38 -3.84
C SER A 310 -10.33 12.07 -5.29
N THR A 311 -9.18 12.54 -5.79
CA THR A 311 -8.80 12.25 -7.17
C THR A 311 -8.55 10.77 -7.40
N LEU A 312 -7.96 10.09 -6.41
CA LEU A 312 -7.72 8.64 -6.53
C LEU A 312 -9.03 7.89 -6.73
N GLY A 313 -10.04 8.23 -5.95
CA GLY A 313 -11.34 7.60 -6.13
C GLY A 313 -11.89 7.82 -7.52
N LEU A 314 -11.81 9.07 -8.00
CA LEU A 314 -12.30 9.39 -9.33
C LEU A 314 -11.58 8.58 -10.40
N VAL A 315 -10.26 8.39 -10.24
CA VAL A 315 -9.49 7.66 -11.24
C VAL A 315 -9.88 6.19 -11.24
N ILE A 316 -10.20 5.64 -10.07
CA ILE A 316 -10.51 4.21 -9.98
C ILE A 316 -11.86 3.92 -10.62
N MET A 317 -12.83 4.83 -10.47
CA MET A 317 -14.17 4.60 -11.02
C MET A 317 -14.18 4.79 -12.54
N ALA A 318 -13.48 5.81 -13.03
CA ALA A 318 -13.33 6.02 -14.46
C ALA A 318 -12.85 4.76 -15.16
N LEU A 319 -11.93 4.02 -14.53
CA LEU A 319 -11.46 2.76 -15.10
C LEU A 319 -12.53 1.68 -14.99
N SER A 320 -13.27 1.66 -13.87
CA SER A 320 -14.33 0.67 -13.69
C SER A 320 -15.38 0.78 -14.78
N ASN A 321 -15.78 2.01 -15.11
CA ASN A 321 -16.78 2.28 -16.13
C ASN A 321 -16.18 2.38 -17.53
N LYS A 322 -14.96 1.87 -17.72
CA LYS A 322 -14.26 1.89 -19.01
C LYS A 322 -14.40 3.25 -19.71
N GLU A 323 -14.23 4.34 -18.97
CA GLU A 323 -14.35 5.65 -19.56
C GLU A 323 -13.24 5.89 -20.57
N SER A 324 -13.57 6.61 -21.65
CA SER A 324 -12.56 6.96 -22.65
C SER A 324 -11.45 7.81 -22.05
N HIS A 325 -11.79 8.66 -21.08
CA HIS A 325 -10.84 9.53 -20.40
C HIS A 325 -10.69 9.09 -18.95
N VAL A 326 -9.45 9.01 -18.48
CA VAL A 326 -9.14 8.74 -17.08
C VAL A 326 -8.22 9.86 -16.61
N PRO A 327 -8.63 10.67 -15.61
CA PRO A 327 -7.91 11.91 -15.30
C PRO A 327 -6.71 11.70 -14.37
N TYR A 328 -5.75 10.90 -14.83
CA TYR A 328 -4.54 10.64 -14.05
C TYR A 328 -3.87 11.93 -13.61
N ARG A 329 -3.91 12.94 -14.49
CA ARG A 329 -3.14 14.17 -14.32
C ARG A 329 -3.69 15.07 -13.21
N ASN A 330 -4.89 14.80 -12.70
CA ASN A 330 -5.48 15.66 -11.69
C ASN A 330 -4.79 15.58 -10.32
N SER A 331 -3.92 14.61 -10.07
CA SER A 331 -3.19 14.59 -8.80
C SER A 331 -1.81 14.00 -9.03
N LYS A 332 -0.84 14.46 -8.24
CA LYS A 332 0.52 13.94 -8.43
C LYS A 332 0.59 12.44 -8.14
N LEU A 333 -0.34 11.93 -7.33
CA LEU A 333 -0.32 10.52 -6.95
C LEU A 333 -0.79 9.63 -8.10
N THR A 334 -1.98 9.93 -8.65
CA THR A 334 -2.46 9.18 -9.80
C THR A 334 -1.57 9.39 -11.01
N TYR A 335 -0.99 10.58 -11.17
CA TYR A 335 -0.10 10.81 -12.31
C TYR A 335 1.12 9.92 -12.24
N LEU A 336 1.69 9.76 -11.03
CA LEU A 336 2.85 8.89 -10.84
C LEU A 336 2.47 7.43 -11.04
N LEU A 337 1.32 7.00 -10.55
CA LEU A 337 0.96 5.60 -10.56
C LEU A 337 0.12 5.20 -11.76
N GLN A 338 -0.03 6.08 -12.75
CA GLN A 338 -1.03 5.85 -13.80
C GLN A 338 -0.80 4.53 -14.51
N ASN A 339 0.44 4.07 -14.63
CA ASN A 339 0.68 2.82 -15.30
C ASN A 339 0.52 1.61 -14.39
N SER A 340 0.26 1.81 -13.10
CA SER A 340 0.00 0.69 -12.20
C SER A 340 -1.44 0.66 -11.73
N LEU A 341 -2.33 1.33 -12.44
CA LEU A 341 -3.72 1.41 -12.02
C LEU A 341 -4.66 0.70 -12.98
N GLY A 342 -4.76 1.12 -14.24
CA GLY A 342 -5.60 0.41 -15.17
C GLY A 342 -4.96 -0.86 -15.69
N GLY A 343 -5.49 -1.34 -16.81
CA GLY A 343 -4.89 -2.50 -17.50
C GLY A 343 -4.98 -3.79 -16.71
N SER A 344 -3.90 -4.55 -16.69
CA SER A 344 -3.86 -5.82 -15.97
C SER A 344 -3.38 -5.69 -14.52
N ALA A 345 -3.14 -4.46 -14.05
CA ALA A 345 -2.63 -4.22 -12.70
C ALA A 345 -3.54 -4.85 -11.65
N LYS A 346 -2.93 -5.61 -10.75
CA LYS A 346 -3.65 -6.11 -9.59
C LYS A 346 -3.65 -5.03 -8.52
N MET A 347 -4.81 -4.76 -7.94
CA MET A 347 -4.98 -3.64 -7.02
C MET A 347 -5.51 -4.14 -5.69
N LEU A 348 -4.78 -3.86 -4.62
CA LEU A 348 -5.12 -4.30 -3.27
C LEU A 348 -5.41 -3.07 -2.41
N MET A 349 -6.58 -3.04 -1.80
CA MET A 349 -7.08 -1.88 -1.04
C MET A 349 -7.31 -2.30 0.41
N PHE A 350 -6.40 -1.89 1.31
CA PHE A 350 -6.58 -2.07 2.75
C PHE A 350 -7.25 -0.82 3.33
N VAL A 351 -8.41 -0.98 3.95
CA VAL A 351 -9.05 0.11 4.66
C VAL A 351 -8.83 -0.09 6.16
N ASN A 352 -8.15 0.87 6.80
CA ASN A 352 -7.90 0.78 8.22
C ASN A 352 -8.99 1.51 8.99
N ILE A 353 -9.44 0.90 10.09
CA ILE A 353 -10.62 1.34 10.84
C ILE A 353 -10.24 1.47 12.31
N SER A 354 -10.59 2.61 12.91
CA SER A 354 -10.35 2.83 14.34
C SER A 354 -11.44 2.17 15.16
N PRO A 355 -11.09 1.42 16.20
CA PRO A 355 -12.10 0.73 17.03
C PRO A 355 -12.91 1.65 17.94
N LEU A 356 -12.56 2.94 18.00
CA LEU A 356 -13.05 3.80 19.06
C LEU A 356 -14.43 4.36 18.76
N GLU A 357 -15.20 4.59 19.84
CA GLU A 357 -16.53 5.17 19.68
C GLU A 357 -16.47 6.55 19.05
N GLU A 358 -15.51 7.37 19.48
CA GLU A 358 -15.40 8.74 19.01
C GLU A 358 -15.12 8.84 17.51
N ASN A 359 -14.60 7.77 16.92
CA ASN A 359 -14.21 7.76 15.52
C ASN A 359 -15.21 7.03 14.64
N VAL A 360 -16.40 6.71 15.18
CA VAL A 360 -17.41 5.98 14.42
C VAL A 360 -17.81 6.74 13.17
N SER A 361 -17.73 8.08 13.21
CA SER A 361 -18.20 8.89 12.10
C SER A 361 -17.25 8.80 10.91
N GLU A 362 -15.94 8.83 11.18
CA GLU A 362 -14.96 8.70 10.11
C GLU A 362 -14.77 7.26 9.68
N SER A 363 -15.03 6.31 10.57
CA SER A 363 -14.99 4.90 10.18
C SER A 363 -16.05 4.59 9.14
N LEU A 364 -17.25 5.15 9.30
CA LEU A 364 -18.31 4.97 8.32
C LEU A 364 -17.89 5.53 6.96
N ASN A 365 -17.28 6.72 6.96
CA ASN A 365 -16.75 7.29 5.72
C ASN A 365 -15.78 6.34 5.03
N SER A 366 -14.81 5.82 5.79
CA SER A 366 -13.81 4.92 5.23
C SER A 366 -14.41 3.62 4.77
N LEU A 367 -15.43 3.11 5.48
CA LEU A 367 -16.06 1.85 5.08
C LEU A 367 -16.88 2.04 3.80
N ARG A 368 -17.56 3.18 3.66
CA ARG A 368 -18.28 3.44 2.41
C ARG A 368 -17.31 3.56 1.25
N PHE A 369 -16.20 4.27 1.43
CA PHE A 369 -15.17 4.33 0.40
C PHE A 369 -14.73 2.94 -0.02
N ALA A 370 -14.43 2.08 0.97
CA ALA A 370 -13.98 0.73 0.67
C ALA A 370 -15.06 -0.09 -0.03
N SER A 371 -16.31 0.01 0.46
CA SER A 371 -17.42 -0.68 -0.20
C SER A 371 -17.54 -0.26 -1.66
N LYS A 372 -17.27 1.02 -1.96
CA LYS A 372 -17.36 1.53 -3.32
C LYS A 372 -16.26 0.95 -4.21
N VAL A 373 -15.04 0.89 -3.69
CA VAL A 373 -13.93 0.31 -4.44
C VAL A 373 -14.22 -1.15 -4.76
N ASN A 374 -14.76 -1.88 -3.78
CA ASN A 374 -14.94 -3.32 -3.96
C ASN A 374 -15.94 -3.65 -5.06
N GLN A 375 -16.87 -2.73 -5.36
CA GLN A 375 -17.80 -2.92 -6.45
C GLN A 375 -17.26 -2.43 -7.79
N CYS A 376 -16.14 -1.71 -7.80
CA CYS A 376 -15.58 -1.19 -9.04
C CYS A 376 -14.86 -2.28 -9.84
PB ADP B . -1.89 5.95 10.67
O1B ADP B . -3.12 5.26 10.15
O2B ADP B . -0.61 5.64 9.90
O3B ADP B . -2.07 7.40 11.00
PA ADP B . -0.47 4.39 12.70
O1A ADP B . -0.15 3.18 11.84
O2A ADP B . 0.57 5.43 13.00
O3A ADP B . -1.76 5.18 12.10
O5' ADP B . -0.98 3.81 14.11
C5' ADP B . -1.44 4.62 15.21
C4' ADP B . -1.08 3.84 16.48
O4' ADP B . -1.76 2.59 16.49
C3' ADP B . 0.40 3.49 16.52
O3' ADP B . 0.86 3.67 17.85
C2' ADP B . 0.48 2.02 16.18
O2' ADP B . 1.55 1.43 16.90
C1' ADP B . -0.85 1.50 16.66
N9 ADP B . -1.34 0.39 15.84
C8 ADP B . -1.87 0.55 14.60
N7 ADP B . -2.25 -0.64 14.09
C5 ADP B . -1.99 -1.60 14.98
C6 ADP B . -2.16 -3.06 15.06
N6 ADP B . -2.69 -3.77 14.04
N1 ADP B . -1.74 -3.70 16.18
C2 ADP B . -1.18 -3.01 17.20
N3 ADP B . -1.01 -1.67 17.20
C4 ADP B . -1.38 -0.92 16.15
MG MG C . 0.79 7.29 9.17
UNK UNX D . 16.08 -11.33 2.37
UNK UNX E . 9.10 -2.72 16.29
UNK UNX F . 6.33 -12.60 11.89
UNK UNX G . 6.13 16.76 -9.58
UNK UNX H . -16.85 -4.05 19.50
UNK UNX I . -3.41 2.57 -16.74
#